data_7N27
#
_entry.id   7N27
#
_cell.length_a   62.971
_cell.length_b   76.386
_cell.length_c   80.628
_cell.angle_alpha   90.00
_cell.angle_beta   90.00
_cell.angle_gamma   90.00
#
_symmetry.space_group_name_H-M   'P 21 21 21'
#
loop_
_entity.id
_entity.type
_entity.pdbx_description
1 polymer 'Isoform 2 of Chromodomain Y-like protein'
2 polymer 'inhibitor UNC6261'
3 non-polymer 'SODIUM ION'
4 non-polymer 'UNKNOWN ATOM OR ION'
5 water water
#
loop_
_entity_poly.entity_id
_entity_poly.type
_entity_poly.pdbx_seq_one_letter_code
_entity_poly.pdbx_strand_id
1 'polypeptide(L)' GEELYEVERIVDKRKNKKGKTEYLVRWKGYDSEDDTWEPEQHLVNCEEYIHDFNRRH A,B,C,D,E,F
2 'polypeptide(L)' (MN1)(PF5)AF(ZT1)A G,H,I,J,K,L
#
loop_
_chem_comp.id
_chem_comp.type
_chem_comp.name
_chem_comp.formula
MN1 non-polymer 4-CARBOXYPIPERIDINE 'C6 H11 N O2'
NA non-polymer 'SODIUM ION' 'Na 1'
UNX non-polymer 'UNKNOWN ATOM OR ION' ?
ZT1 non-polymer N~6~-[(1-methyl-1H-imidazol-5-yl)methyl]-N~6~-propan-2-yl-L-lysine 'C14 H26 N4 O2'
#
# COMPACT_ATOMS: atom_id res chain seq x y z
N GLY A 1 0.90 -3.40 28.40
CA GLY A 1 -0.20 -2.88 27.56
C GLY A 1 -1.26 -2.17 28.40
N GLU A 2 -2.21 -1.50 27.75
CA GLU A 2 -3.24 -0.70 28.44
C GLU A 2 -4.39 -1.63 28.86
N GLU A 3 -5.05 -1.26 29.97
CA GLU A 3 -5.95 -2.15 30.74
C GLU A 3 -7.40 -1.85 30.34
N LEU A 4 -8.19 -2.89 30.04
CA LEU A 4 -9.63 -2.82 29.74
C LEU A 4 -10.44 -3.33 30.93
N TYR A 5 -11.60 -2.72 31.20
CA TYR A 5 -12.54 -3.15 32.28
C TYR A 5 -13.96 -3.20 31.76
N GLU A 6 -14.72 -4.13 32.31
CA GLU A 6 -16.10 -4.40 31.88
C GLU A 6 -16.98 -3.22 32.29
N VAL A 7 -17.82 -2.81 31.35
CA VAL A 7 -18.83 -1.72 31.49
C VAL A 7 -20.17 -2.35 31.84
N GLU A 8 -20.86 -1.87 32.87
CA GLU A 8 -22.22 -2.32 33.26
C GLU A 8 -23.27 -1.46 32.55
N ARG A 9 -23.01 -0.15 32.43
CA ARG A 9 -24.00 0.85 31.97
C ARG A 9 -23.31 2.12 31.51
N ILE A 10 -23.95 2.87 30.61
CA ILE A 10 -23.62 4.29 30.33
C ILE A 10 -24.70 5.12 31.02
N VAL A 11 -24.31 5.97 31.96
CA VAL A 11 -25.34 6.60 32.85
C VAL A 11 -25.49 8.09 32.48
N ASP A 12 -24.59 8.66 31.70
CA ASP A 12 -24.62 10.10 31.36
C ASP A 12 -23.65 10.39 30.20
N LYS A 13 -23.83 11.57 29.59
CA LYS A 13 -23.08 12.07 28.41
C LYS A 13 -22.81 13.57 28.58
N ARG A 14 -21.63 14.05 28.19
CA ARG A 14 -21.30 15.50 28.20
C ARG A 14 -20.36 15.79 27.03
N LYS A 15 -20.22 17.07 26.69
CA LYS A 15 -19.17 17.57 25.77
C LYS A 15 -18.05 18.16 26.64
N ASN A 16 -16.80 17.85 26.34
CA ASN A 16 -15.62 18.47 26.99
C ASN A 16 -15.39 19.83 26.33
N LYS A 17 -14.45 20.62 26.87
CA LYS A 17 -13.97 21.90 26.30
C LYS A 17 -13.68 21.71 24.80
N LYS A 18 -12.87 20.70 24.46
CA LYS A 18 -12.33 20.46 23.09
C LYS A 18 -13.48 20.15 22.11
N GLY A 19 -14.61 19.68 22.63
CA GLY A 19 -15.82 19.36 21.83
C GLY A 19 -16.07 17.87 21.75
N LYS A 20 -15.12 17.04 22.23
CA LYS A 20 -15.25 15.57 22.26
C LYS A 20 -16.33 15.16 23.28
N THR A 21 -17.19 14.21 22.90
CA THR A 21 -18.19 13.54 23.76
C THR A 21 -17.48 12.70 24.83
N GLU A 22 -17.86 12.88 26.09
CA GLU A 22 -17.45 12.00 27.22
C GLU A 22 -18.71 11.27 27.70
N TYR A 23 -18.52 10.06 28.20
CA TYR A 23 -19.60 9.23 28.75
C TYR A 23 -19.25 8.91 30.20
N LEU A 24 -20.28 8.87 31.05
CA LEU A 24 -20.13 8.48 32.47
C LEU A 24 -20.39 6.97 32.53
N VAL A 25 -19.35 6.22 32.88
CA VAL A 25 -19.31 4.74 32.82
C VAL A 25 -19.59 4.20 34.21
N ARG A 26 -20.59 3.33 34.33
CA ARG A 26 -20.77 2.41 35.48
C ARG A 26 -19.95 1.14 35.20
N TRP A 27 -19.01 0.80 36.09
CA TRP A 27 -18.09 -0.35 35.87
C TRP A 27 -18.71 -1.61 36.47
N LYS A 28 -18.73 -2.72 35.72
CA LYS A 28 -19.37 -3.97 36.22
C LYS A 28 -18.59 -4.44 37.46
N GLY A 29 -19.31 -4.77 38.53
CA GLY A 29 -18.73 -5.25 39.81
C GLY A 29 -18.31 -4.10 40.70
N TYR A 30 -18.68 -2.86 40.36
CA TYR A 30 -18.48 -1.62 41.17
C TYR A 30 -19.85 -0.92 41.27
N ASP A 31 -19.97 0.12 42.09
CA ASP A 31 -21.22 0.93 42.20
C ASP A 31 -20.95 2.38 41.81
N SER A 32 -21.99 3.23 41.86
CA SER A 32 -22.05 4.62 41.33
C SER A 32 -20.89 5.49 41.82
N GLU A 33 -20.46 5.35 43.09
CA GLU A 33 -19.38 6.20 43.69
C GLU A 33 -18.10 6.10 42.86
N ASP A 34 -17.96 5.02 42.07
CA ASP A 34 -16.77 4.72 41.23
C ASP A 34 -17.03 5.02 39.74
N ASP A 35 -18.15 5.62 39.37
CA ASP A 35 -18.42 6.01 37.96
C ASP A 35 -17.38 7.03 37.52
N THR A 36 -16.84 6.91 36.30
CA THR A 36 -15.85 7.90 35.78
C THR A 36 -16.27 8.38 34.40
N TRP A 37 -15.97 9.64 34.12
CA TRP A 37 -16.09 10.23 32.77
C TRP A 37 -14.97 9.69 31.88
N GLU A 38 -15.32 9.08 30.75
CA GLU A 38 -14.35 8.52 29.79
C GLU A 38 -14.62 9.14 28.43
N PRO A 39 -13.55 9.58 27.72
CA PRO A 39 -13.64 9.90 26.31
C PRO A 39 -14.35 8.78 25.55
N GLU A 40 -15.25 9.16 24.64
CA GLU A 40 -15.93 8.29 23.66
C GLU A 40 -14.94 7.25 23.09
N GLN A 41 -13.72 7.68 22.80
CA GLN A 41 -12.69 6.83 22.11
C GLN A 41 -12.01 5.87 23.11
N HIS A 42 -12.45 5.83 24.38
CA HIS A 42 -12.04 4.80 25.37
C HIS A 42 -13.00 3.60 25.38
N LEU A 43 -14.17 3.71 24.75
CA LEU A 43 -15.25 2.69 24.80
C LEU A 43 -15.05 1.66 23.69
N VAL A 44 -15.07 0.37 24.06
CA VAL A 44 -14.88 -0.77 23.12
C VAL A 44 -16.18 -1.57 23.05
N ASN A 45 -16.79 -1.63 21.85
CA ASN A 45 -18.03 -2.37 21.56
C ASN A 45 -19.14 -1.94 22.54
N CYS A 46 -19.24 -0.65 22.85
CA CYS A 46 -20.28 -0.12 23.78
C CYS A 46 -21.46 0.47 22.99
N GLU A 47 -21.50 0.34 21.67
CA GLU A 47 -22.55 0.98 20.82
C GLU A 47 -23.94 0.63 21.38
N GLU A 48 -24.21 -0.61 21.76
CA GLU A 48 -25.55 -1.04 22.26
C GLU A 48 -25.88 -0.29 23.55
N TYR A 49 -24.90 -0.07 24.43
CA TYR A 49 -25.14 0.58 25.75
C TYR A 49 -25.31 2.09 25.56
N ILE A 50 -24.67 2.67 24.55
CA ILE A 50 -24.87 4.10 24.17
C ILE A 50 -26.29 4.27 23.64
N HIS A 51 -26.74 3.34 22.80
CA HIS A 51 -28.15 3.24 22.34
C HIS A 51 -29.12 3.25 23.53
N ASP A 52 -28.90 2.39 24.54
CA ASP A 52 -29.77 2.27 25.75
C ASP A 52 -29.82 3.61 26.51
N PHE A 53 -28.66 4.25 26.72
CA PHE A 53 -28.58 5.57 27.39
C PHE A 53 -29.43 6.60 26.61
N ASN A 54 -29.26 6.66 25.30
CA ASN A 54 -29.93 7.66 24.42
C ASN A 54 -31.44 7.41 24.46
N ARG A 55 -31.87 6.16 24.55
CA ARG A 55 -33.29 5.80 24.62
C ARG A 55 -33.87 6.26 25.97
N ARG A 56 -33.07 6.25 27.03
CA ARG A 56 -33.52 6.57 28.42
C ARG A 56 -33.49 8.08 28.65
N HIS A 57 -32.86 8.85 27.78
CA HIS A 57 -32.68 10.33 27.94
C HIS A 57 -33.11 11.04 26.65
N MN1 B 1 -21.27 -5.13 25.86
C2 MN1 B 1 -21.31 -3.71 26.18
C3 MN1 B 1 -20.13 -3.48 27.13
C4 MN1 B 1 -18.83 -3.71 26.50
C MN1 B 1 -17.73 -3.55 27.49
O MN1 B 1 -17.81 -4.00 28.64
C5 MN1 B 1 -18.74 -5.15 25.97
C6 MN1 B 1 -20.04 -5.39 25.16
N PF5 B 2 -16.66 -2.96 26.97
CA PF5 B 2 -15.42 -2.77 27.74
CB PF5 B 2 -14.28 -3.76 27.28
CG PF5 B 2 -14.76 -5.08 27.35
CD1 PF5 B 2 -15.41 -5.69 26.25
FD1 PF5 B 2 -15.66 -5.09 25.14
CD2 PF5 B 2 -14.55 -5.87 28.48
FD2 PF5 B 2 -13.91 -5.43 29.51
CE1 PF5 B 2 -15.88 -6.99 26.32
FE1 PF5 B 2 -16.50 -7.56 25.32
CE2 PF5 B 2 -15.02 -7.17 28.52
FE2 PF5 B 2 -14.83 -7.87 29.54
CZ PF5 B 2 -15.67 -7.73 27.45
FZ PF5 B 2 -16.07 -8.88 27.50
C PF5 B 2 -15.02 -1.30 27.56
O PF5 B 2 -15.42 -0.67 26.58
N ALA B 3 -14.23 -0.79 28.49
CA ALA B 3 -13.62 0.51 28.31
C ALA B 3 -12.25 0.58 28.98
N PHE B 4 -11.35 1.37 28.39
CA PHE B 4 -10.09 1.81 29.00
C PHE B 4 -10.46 2.79 30.12
O ZT1 B 5 -8.14 4.08 33.16
C ZT1 B 5 -9.20 4.44 32.68
CA ZT1 B 5 -10.30 3.42 32.42
N ZT1 B 5 -9.84 2.65 31.29
CB ZT1 B 5 -10.54 2.47 33.59
CG ZT1 B 5 -10.92 3.18 34.90
CD ZT1 B 5 -11.21 2.10 35.96
CE ZT1 B 5 -11.48 2.71 37.36
NZ ZT1 B 5 -11.17 1.77 38.49
CAB ZT1 B 5 -12.06 0.58 38.52
CAC ZT1 B 5 -11.66 -0.52 37.53
CAA ZT1 B 5 -13.54 0.97 38.30
CAQ ZT1 B 5 -11.18 2.40 39.87
CAP ZT1 B 5 -10.98 3.94 39.89
CAR ZT1 B 5 -9.80 4.55 39.87
NAS ZT1 B 5 -10.01 5.86 39.90
CAT ZT1 B 5 -11.33 6.07 39.94
NAN ZT1 B 5 -11.92 4.87 39.94
CAO ZT1 B 5 -13.38 4.74 39.98
N ALA B 6 -9.46 5.70 32.28
CA ALA B 6 -8.53 6.80 32.51
C ALA B 6 -9.33 8.10 32.61
N GLY C 1 20.41 -9.66 -19.05
CA GLY C 1 19.01 -10.01 -19.38
C GLY C 1 18.64 -9.62 -20.80
N GLU C 2 17.71 -8.67 -20.96
CA GLU C 2 17.11 -8.33 -22.28
C GLU C 2 17.87 -7.16 -22.91
N GLU C 3 18.20 -7.27 -24.19
CA GLU C 3 19.13 -6.34 -24.88
C GLU C 3 18.32 -5.22 -25.52
N LEU C 4 18.87 -4.01 -25.49
CA LEU C 4 18.33 -2.83 -26.20
C LEU C 4 19.32 -2.50 -27.32
N TYR C 5 18.81 -1.97 -28.42
CA TYR C 5 19.62 -1.46 -29.54
C TYR C 5 19.18 -0.05 -29.88
N GLU C 6 20.10 0.72 -30.43
CA GLU C 6 19.82 2.13 -30.79
C GLU C 6 18.95 2.16 -32.04
N VAL C 7 17.94 3.03 -32.02
CA VAL C 7 16.97 3.23 -33.13
C VAL C 7 17.46 4.39 -33.99
N GLU C 8 17.46 4.21 -35.31
CA GLU C 8 17.82 5.29 -36.27
C GLU C 8 16.56 6.06 -36.67
N ARG C 9 15.43 5.36 -36.85
CA ARG C 9 14.24 5.92 -37.50
C ARG C 9 13.06 4.98 -37.21
N ILE C 10 11.87 5.57 -37.08
CA ILE C 10 10.55 4.88 -37.05
C ILE C 10 9.96 5.04 -38.44
N VAL C 11 9.80 3.93 -39.16
CA VAL C 11 9.56 3.88 -40.63
C VAL C 11 8.07 3.69 -40.92
N ASP C 12 7.33 2.93 -40.10
CA ASP C 12 5.92 2.58 -40.41
C ASP C 12 5.20 2.08 -39.16
N LYS C 13 3.89 1.89 -39.29
CA LYS C 13 2.95 1.59 -38.19
C LYS C 13 1.87 0.63 -38.68
N ARG C 14 1.48 -0.32 -37.85
CA ARG C 14 0.34 -1.22 -38.15
C ARG C 14 -0.26 -1.75 -36.84
N LYS C 15 -1.49 -2.27 -36.92
CA LYS C 15 -2.15 -2.98 -35.78
C LYS C 15 -2.08 -4.47 -36.08
N ASN C 16 -1.82 -5.28 -35.06
CA ASN C 16 -1.73 -6.75 -35.23
C ASN C 16 -3.14 -7.32 -35.04
N LYS C 17 -3.30 -8.64 -35.22
CA LYS C 17 -4.57 -9.38 -35.03
C LYS C 17 -5.16 -9.04 -33.65
N LYS C 18 -4.29 -8.92 -32.62
CA LYS C 18 -4.65 -8.67 -31.20
C LYS C 18 -4.88 -7.19 -30.95
N GLY C 19 -4.95 -6.35 -31.99
CA GLY C 19 -5.27 -4.91 -31.89
C GLY C 19 -4.18 -4.08 -31.22
N LYS C 20 -2.97 -4.62 -31.04
CA LYS C 20 -1.81 -3.88 -30.48
C LYS C 20 -1.06 -3.18 -31.63
N THR C 21 -0.53 -1.98 -31.40
CA THR C 21 0.23 -1.18 -32.40
C THR C 21 1.66 -1.72 -32.48
N GLU C 22 2.15 -1.91 -33.69
CA GLU C 22 3.58 -2.25 -33.95
C GLU C 22 4.14 -1.15 -34.80
N TYR C 23 5.43 -0.87 -34.61
CA TYR C 23 6.20 0.12 -35.40
C TYR C 23 7.31 -0.61 -36.13
N LEU C 24 7.62 -0.15 -37.33
CA LEU C 24 8.74 -0.71 -38.13
C LEU C 24 10.00 0.09 -37.79
N VAL C 25 10.98 -0.58 -37.18
CA VAL C 25 12.17 0.07 -36.56
C VAL C 25 13.36 -0.08 -37.51
N ARG C 26 14.00 1.04 -37.84
CA ARG C 26 15.30 1.03 -38.53
C ARG C 26 16.36 1.16 -37.44
N TRP C 27 17.27 0.21 -37.40
CA TRP C 27 18.28 0.09 -36.33
C TRP C 27 19.54 0.87 -36.73
N LYS C 28 20.07 1.67 -35.79
CA LYS C 28 21.31 2.48 -35.96
C LYS C 28 22.44 1.55 -36.42
N GLY C 29 23.10 1.88 -37.53
CA GLY C 29 24.21 1.13 -38.13
C GLY C 29 23.75 0.04 -39.09
N TYR C 30 22.45 -0.05 -39.44
CA TYR C 30 21.90 -1.08 -40.37
C TYR C 30 21.06 -0.39 -41.43
N ASP C 31 20.80 -1.03 -42.58
CA ASP C 31 19.93 -0.47 -43.64
C ASP C 31 18.54 -1.10 -43.57
N SER C 32 17.64 -0.70 -44.47
CA SER C 32 16.21 -1.09 -44.51
C SER C 32 16.05 -2.61 -44.58
N GLU C 33 17.07 -3.35 -45.02
CA GLU C 33 16.96 -4.83 -45.15
C GLU C 33 16.95 -5.49 -43.77
N ASP C 34 17.33 -4.78 -42.70
CA ASP C 34 17.29 -5.31 -41.31
C ASP C 34 16.20 -4.65 -40.46
N ASP C 35 15.30 -3.88 -41.07
CA ASP C 35 14.17 -3.27 -40.33
C ASP C 35 13.34 -4.42 -39.76
N THR C 36 12.80 -4.27 -38.57
CA THR C 36 11.89 -5.27 -37.96
C THR C 36 10.67 -4.55 -37.38
N TRP C 37 9.53 -5.21 -37.43
CA TRP C 37 8.29 -4.77 -36.74
C TRP C 37 8.44 -5.12 -35.27
N GLU C 38 8.29 -4.10 -34.41
CA GLU C 38 8.37 -4.25 -32.94
C GLU C 38 7.06 -3.74 -32.33
N PRO C 39 6.50 -4.44 -31.32
CA PRO C 39 5.47 -3.86 -30.46
C PRO C 39 5.87 -2.48 -29.95
N GLU C 40 4.90 -1.55 -29.93
CA GLU C 40 4.99 -0.19 -29.34
C GLU C 40 5.68 -0.29 -27.97
N GLN C 41 5.38 -1.34 -27.22
CA GLN C 41 5.86 -1.56 -25.82
C GLN C 41 7.35 -1.95 -25.81
N HIS C 42 8.02 -2.10 -26.96
CA HIS C 42 9.47 -2.39 -27.07
C HIS C 42 10.28 -1.10 -27.15
N LEU C 43 9.63 0.03 -27.41
CA LEU C 43 10.35 1.30 -27.70
C LEU C 43 10.68 2.00 -26.38
N VAL C 44 11.91 2.49 -26.25
CA VAL C 44 12.36 3.19 -25.02
C VAL C 44 12.81 4.60 -25.42
N ASN C 45 12.12 5.62 -24.89
CA ASN C 45 12.43 7.05 -25.14
C ASN C 45 12.49 7.34 -26.64
N CYS C 46 11.54 6.82 -27.41
CA CYS C 46 11.45 7.04 -28.89
C CYS C 46 10.38 8.09 -29.22
N GLU C 47 9.90 8.87 -28.24
CA GLU C 47 8.79 9.81 -28.49
C GLU C 47 9.20 10.79 -29.60
N GLU C 48 10.42 11.31 -29.61
CA GLU C 48 10.87 12.28 -30.64
C GLU C 48 10.75 11.66 -32.02
N TYR C 49 11.14 10.39 -32.19
CA TYR C 49 11.15 9.69 -33.50
C TYR C 49 9.73 9.28 -33.89
N ILE C 50 8.84 9.05 -32.94
CA ILE C 50 7.39 8.86 -33.25
C ILE C 50 6.78 10.21 -33.69
N HIS C 51 7.08 11.31 -33.00
CA HIS C 51 6.68 12.67 -33.42
C HIS C 51 7.12 12.89 -34.88
N ASP C 52 8.36 12.53 -35.22
CA ASP C 52 8.93 12.71 -36.58
C ASP C 52 8.13 11.86 -37.59
N PHE C 53 7.90 10.58 -37.29
CA PHE C 53 7.11 9.67 -38.14
C PHE C 53 5.73 10.28 -38.42
N ASN C 54 5.04 10.77 -37.38
CA ASN C 54 3.66 11.31 -37.49
C ASN C 54 3.71 12.53 -38.42
N ARG C 55 4.66 13.45 -38.18
CA ARG C 55 4.88 14.69 -38.98
C ARG C 55 5.07 14.33 -40.46
N ARG C 56 5.69 13.18 -40.71
CA ARG C 56 6.10 12.70 -42.04
C ARG C 56 4.86 12.28 -42.82
N HIS C 57 3.98 11.50 -42.19
CA HIS C 57 2.78 10.88 -42.80
C HIS C 57 1.50 11.56 -42.28
N MN1 D 1 16.58 9.08 -29.34
C2 MN1 D 1 16.75 8.48 -28.03
C3 MN1 D 1 17.16 7.03 -28.09
C4 MN1 D 1 16.06 6.25 -28.76
C MN1 D 1 16.55 4.83 -28.85
O MN1 D 1 17.53 4.56 -29.56
C5 MN1 D 1 15.91 6.90 -30.18
C6 MN1 D 1 15.48 8.38 -30.06
N PF5 D 2 15.97 3.97 -28.01
CA PF5 D 2 16.40 2.58 -27.92
CB PF5 D 2 17.19 2.30 -26.60
CG PF5 D 2 18.25 3.19 -26.45
CD1 PF5 D 2 18.09 4.44 -25.81
FD1 PF5 D 2 16.97 4.81 -25.38
CD2 PF5 D 2 19.53 2.85 -26.91
FD2 PF5 D 2 19.77 1.67 -27.48
CE1 PF5 D 2 19.14 5.31 -25.68
FE1 PF5 D 2 19.00 6.54 -25.07
CE2 PF5 D 2 20.58 3.73 -26.75
FE2 PF5 D 2 21.74 3.46 -27.15
CZ PF5 D 2 20.39 4.95 -26.15
FZ PF5 D 2 21.29 5.66 -26.02
C PF5 D 2 15.15 1.69 -27.99
O PF5 D 2 14.02 2.16 -27.79
N ALA D 3 15.32 0.43 -28.35
CA ALA D 3 14.22 -0.51 -28.42
C ALA D 3 14.72 -1.92 -28.11
N PHE D 4 13.87 -2.71 -27.46
CA PHE D 4 14.04 -4.18 -27.41
C PHE D 4 13.79 -4.72 -28.81
O ZT1 D 5 14.72 -8.55 -29.97
C ZT1 D 5 13.99 -7.71 -30.47
CA ZT1 D 5 14.47 -6.25 -30.58
N ZT1 D 5 14.58 -5.70 -29.24
CB ZT1 D 5 15.86 -6.19 -31.23
CG ZT1 D 5 15.92 -6.71 -32.71
CD ZT1 D 5 17.36 -6.46 -33.19
CE ZT1 D 5 17.63 -6.97 -34.61
NZ ZT1 D 5 19.05 -7.42 -34.77
CAB ZT1 D 5 19.99 -6.30 -34.49
CAC ZT1 D 5 19.89 -5.19 -35.54
CAA ZT1 D 5 21.42 -6.87 -34.38
CAQ ZT1 D 5 19.43 -8.14 -36.05
CAP ZT1 D 5 18.31 -9.11 -36.47
CAR ZT1 D 5 18.14 -10.33 -35.96
NAS ZT1 D 5 17.05 -10.84 -36.54
CAT ZT1 D 5 16.56 -9.93 -37.40
NAN ZT1 D 5 17.33 -8.84 -37.37
CAO ZT1 D 5 17.13 -7.59 -38.20
N ALA D 6 12.77 -7.99 -30.95
CA ALA D 6 12.22 -9.35 -30.89
C ALA D 6 10.97 -9.40 -31.76
N GLY E 1 24.48 -4.40 -28.33
CA GLY E 1 23.64 -4.02 -27.16
C GLY E 1 24.04 -2.67 -26.61
N GLU E 2 23.22 -2.10 -25.73
CA GLU E 2 23.57 -0.90 -24.93
C GLU E 2 23.14 -1.18 -23.49
N GLU E 3 23.99 -0.85 -22.52
CA GLU E 3 23.79 -1.20 -21.09
C GLU E 3 23.14 -0.01 -20.38
N LEU E 4 22.24 -0.28 -19.42
CA LEU E 4 21.65 0.73 -18.48
C LEU E 4 22.39 0.67 -17.14
N TYR E 5 22.76 1.83 -16.58
CA TYR E 5 23.45 1.96 -15.27
C TYR E 5 22.63 2.76 -14.28
N GLU E 6 22.67 2.36 -13.00
CA GLU E 6 21.88 3.00 -11.92
C GLU E 6 22.36 4.44 -11.73
N VAL E 7 21.41 5.35 -11.61
CA VAL E 7 21.66 6.80 -11.41
C VAL E 7 21.51 7.05 -9.91
N GLU E 8 22.48 7.69 -9.27
CA GLU E 8 22.33 8.10 -7.84
C GLU E 8 21.47 9.36 -7.74
N ARG E 9 21.82 10.39 -8.52
CA ARG E 9 21.13 11.69 -8.54
C ARG E 9 21.56 12.53 -9.76
N ILE E 10 20.80 13.58 -10.06
CA ILE E 10 21.20 14.63 -11.05
C ILE E 10 22.05 15.66 -10.31
N VAL E 11 23.18 16.06 -10.90
CA VAL E 11 24.16 17.01 -10.32
C VAL E 11 23.93 18.41 -10.91
N ASP E 12 23.52 18.51 -12.17
CA ASP E 12 23.49 19.79 -12.94
C ASP E 12 22.69 19.58 -14.23
N LYS E 13 22.31 20.66 -14.91
CA LYS E 13 21.63 20.62 -16.23
C LYS E 13 22.23 21.71 -17.12
N ARG E 14 22.07 21.59 -18.45
CA ARG E 14 22.61 22.54 -19.45
C ARG E 14 21.81 22.38 -20.75
N LYS E 15 21.92 23.35 -21.66
CA LYS E 15 21.37 23.25 -23.03
C LYS E 15 22.53 22.97 -23.99
N ASN E 16 22.28 22.11 -24.99
CA ASN E 16 23.24 21.79 -26.08
C ASN E 16 22.93 22.72 -27.26
N LYS E 17 23.70 22.61 -28.34
CA LYS E 17 23.65 23.59 -29.46
C LYS E 17 22.32 23.42 -30.23
N LYS E 18 21.52 22.38 -29.96
CA LYS E 18 20.18 22.18 -30.59
C LYS E 18 19.06 22.59 -29.64
N GLY E 19 19.38 23.17 -28.50
CA GLY E 19 18.38 23.59 -27.49
C GLY E 19 17.78 22.41 -26.74
N LYS E 20 18.49 21.29 -26.66
CA LYS E 20 18.02 20.11 -25.89
C LYS E 20 18.73 20.09 -24.54
N THR E 21 18.06 19.56 -23.51
CA THR E 21 18.56 19.51 -22.13
C THR E 21 19.50 18.31 -22.00
N GLU E 22 20.68 18.53 -21.41
CA GLU E 22 21.60 17.47 -20.96
C GLU E 22 21.68 17.59 -19.43
N TYR E 23 21.83 16.45 -18.75
CA TYR E 23 21.98 16.39 -17.27
C TYR E 23 23.36 15.82 -16.96
N LEU E 24 24.05 16.38 -15.96
CA LEU E 24 25.26 15.77 -15.37
C LEU E 24 24.79 14.71 -14.37
N VAL E 25 25.13 13.45 -14.62
CA VAL E 25 24.61 12.24 -13.91
C VAL E 25 25.67 11.75 -12.93
N ARG E 26 25.30 11.55 -11.66
CA ARG E 26 26.10 10.83 -10.64
C ARG E 26 25.60 9.38 -10.67
N TRP E 27 26.50 8.46 -11.02
CA TRP E 27 26.25 7.00 -11.15
C TRP E 27 26.42 6.33 -9.78
N LYS E 28 25.42 5.57 -9.33
CA LYS E 28 25.41 4.82 -8.05
C LYS E 28 26.63 3.89 -8.00
N GLY E 29 27.28 3.78 -6.84
CA GLY E 29 28.50 3.00 -6.61
C GLY E 29 29.71 3.58 -7.33
N TYR E 30 29.71 4.89 -7.62
CA TYR E 30 30.83 5.61 -8.28
C TYR E 30 30.98 7.01 -7.67
N ASP E 31 32.04 7.71 -8.05
CA ASP E 31 32.48 9.02 -7.48
C ASP E 31 32.23 10.14 -8.50
N SER E 32 32.28 11.38 -8.03
CA SER E 32 32.19 12.63 -8.83
C SER E 32 33.17 12.62 -10.02
N GLU E 33 34.18 11.75 -10.00
CA GLU E 33 35.22 11.67 -11.06
C GLU E 33 34.65 10.99 -12.31
N ASP E 34 33.70 10.08 -12.12
CA ASP E 34 33.04 9.28 -13.20
C ASP E 34 31.74 9.95 -13.65
N ASP E 35 31.57 11.25 -13.40
CA ASP E 35 30.33 12.00 -13.73
C ASP E 35 30.31 12.36 -15.23
N THR E 36 29.20 12.09 -15.91
CA THR E 36 29.05 12.27 -17.38
C THR E 36 27.78 13.09 -17.70
N TRP E 37 27.89 14.02 -18.65
CA TRP E 37 26.75 14.75 -19.29
C TRP E 37 26.03 13.81 -20.25
N GLU E 38 24.74 13.59 -20.02
CA GLU E 38 23.88 12.68 -20.84
C GLU E 38 22.74 13.48 -21.43
N PRO E 39 22.34 13.22 -22.69
CA PRO E 39 21.10 13.77 -23.21
C PRO E 39 19.94 13.29 -22.34
N GLU E 40 18.93 14.13 -22.18
CA GLU E 40 17.68 13.84 -21.42
C GLU E 40 17.10 12.50 -21.88
N GLN E 41 17.21 12.17 -23.17
CA GLN E 41 16.65 10.94 -23.78
C GLN E 41 17.45 9.69 -23.38
N HIS E 42 18.63 9.84 -22.76
CA HIS E 42 19.39 8.69 -22.21
C HIS E 42 18.81 8.26 -20.87
N LEU E 43 18.00 9.11 -20.23
CA LEU E 43 17.52 8.86 -18.85
C LEU E 43 16.25 8.01 -18.88
N VAL E 44 16.27 6.90 -18.14
CA VAL E 44 15.12 5.97 -18.02
C VAL E 44 14.56 6.05 -16.59
N ASN E 45 13.27 6.41 -16.47
CA ASN E 45 12.50 6.44 -15.20
C ASN E 45 13.16 7.40 -14.21
N CYS E 46 13.66 8.54 -14.68
CA CYS E 46 14.41 9.52 -13.86
C CYS E 46 13.52 10.74 -13.58
N GLU E 47 12.21 10.66 -13.89
CA GLU E 47 11.23 11.79 -13.75
C GLU E 47 11.28 12.34 -12.33
N GLU E 48 11.22 11.47 -11.31
CA GLU E 48 11.26 11.84 -9.87
C GLU E 48 12.55 12.62 -9.56
N TYR E 49 13.69 12.20 -10.10
CA TYR E 49 15.02 12.83 -9.80
C TYR E 49 15.20 14.17 -10.54
N ILE E 50 14.64 14.29 -11.74
CA ILE E 50 14.63 15.57 -12.50
C ILE E 50 13.72 16.56 -11.76
N HIS E 51 12.54 16.10 -11.31
CA HIS E 51 11.57 16.92 -10.54
C HIS E 51 12.24 17.38 -9.24
N ASP E 52 12.91 16.48 -8.53
CA ASP E 52 13.70 16.78 -7.31
C ASP E 52 14.69 17.91 -7.59
N PHE E 53 15.53 17.77 -8.62
CA PHE E 53 16.57 18.77 -9.01
C PHE E 53 15.95 20.14 -9.41
N ASN E 54 14.79 20.12 -10.09
CA ASN E 54 14.09 21.34 -10.55
C ASN E 54 13.37 21.99 -9.36
N ARG E 55 13.12 21.25 -8.27
CA ARG E 55 12.61 21.76 -6.97
C ARG E 55 13.65 22.68 -6.32
N ARG E 56 14.94 22.31 -6.39
CA ARG E 56 16.01 22.77 -5.47
C ARG E 56 17.19 23.39 -6.24
N HIS E 57 18.12 22.55 -6.73
CA HIS E 57 19.42 22.96 -7.34
C HIS E 57 19.23 23.38 -8.79
N MN1 F 1 14.23 5.52 -9.87
C2 MN1 F 1 14.92 4.38 -10.51
C3 MN1 F 1 15.22 4.66 -11.96
C4 MN1 F 1 16.30 5.66 -12.07
C MN1 F 1 17.60 5.04 -12.69
O MN1 F 1 18.59 4.80 -12.01
C5 MN1 F 1 16.38 6.36 -10.67
C6 MN1 F 1 14.94 6.76 -10.20
N PF5 F 2 17.56 4.89 -14.06
CA PF5 F 2 18.71 4.33 -14.84
CB PF5 F 2 18.44 2.88 -15.30
CG PF5 F 2 17.99 2.08 -14.26
CD1 PF5 F 2 16.65 2.01 -13.86
FD1 PF5 F 2 15.76 2.69 -14.41
CD2 PF5 F 2 18.91 1.25 -13.59
FD2 PF5 F 2 20.19 1.23 -13.88
CE1 PF5 F 2 16.27 1.17 -12.82
FE1 PF5 F 2 15.05 1.09 -12.44
CE2 PF5 F 2 18.51 0.43 -12.57
FE2 PF5 F 2 19.33 -0.26 -11.99
CZ PF5 F 2 17.19 0.37 -12.18
FZ PF5 F 2 16.85 -0.39 -11.23
C PF5 F 2 19.00 5.22 -16.05
O PF5 F 2 18.15 6.02 -16.46
N ALA F 3 20.21 5.13 -16.59
CA ALA F 3 20.54 5.85 -17.82
C ALA F 3 21.53 5.07 -18.69
N PHE F 4 21.43 5.27 -20.01
CA PHE F 4 22.47 4.89 -21.00
C PHE F 4 23.61 5.89 -20.87
O ZT1 F 5 26.91 5.37 -22.96
C ZT1 F 5 26.66 6.36 -22.30
CA ZT1 F 5 26.04 6.21 -20.92
N ZT1 F 5 24.84 5.41 -21.07
CB ZT1 F 5 26.97 5.44 -19.97
CG ZT1 F 5 28.27 6.23 -19.66
CD ZT1 F 5 28.67 6.07 -18.16
CE ZT1 F 5 29.83 5.06 -17.90
NZ ZT1 F 5 29.48 4.06 -16.84
CAB ZT1 F 5 29.15 4.69 -15.53
CAC ZT1 F 5 28.55 3.66 -14.57
CAA ZT1 F 5 30.34 5.43 -14.89
CAQ ZT1 F 5 30.43 2.93 -16.60
CAP ZT1 F 5 31.47 2.61 -17.69
CAR ZT1 F 5 31.22 1.83 -18.73
NAS ZT1 F 5 32.34 1.79 -19.45
CAT ZT1 F 5 33.27 2.53 -18.85
NAN ZT1 F 5 32.73 3.05 -17.74
CAO ZT1 F 5 33.46 3.93 -16.80
N ALA F 6 26.88 7.61 -22.72
CA ALA F 6 27.34 7.90 -24.07
N GLY G 1 -6.25 -5.94 33.34
CA GLY G 1 -7.68 -5.79 32.92
C GLY G 1 -8.14 -7.02 32.19
N GLU G 2 -9.37 -6.97 31.64
CA GLU G 2 -9.98 -8.02 30.77
C GLU G 2 -9.02 -8.30 29.62
N GLU G 3 -8.89 -9.56 29.24
CA GLU G 3 -7.81 -10.01 28.32
C GLU G 3 -8.40 -10.32 26.95
N LEU G 4 -7.65 -10.02 25.89
CA LEU G 4 -8.01 -10.33 24.49
C LEU G 4 -7.12 -11.45 23.98
N TYR G 5 -7.72 -12.41 23.28
CA TYR G 5 -7.00 -13.58 22.73
C TYR G 5 -7.15 -13.59 21.21
N GLU G 6 -6.14 -14.12 20.53
CA GLU G 6 -6.12 -14.23 19.05
C GLU G 6 -7.13 -15.26 18.56
N VAL G 7 -7.95 -14.88 17.57
CA VAL G 7 -8.99 -15.73 16.94
C VAL G 7 -8.38 -16.36 15.69
N GLU G 8 -8.46 -17.69 15.58
CA GLU G 8 -8.04 -18.42 14.36
C GLU G 8 -9.15 -18.31 13.32
N ARG G 9 -10.38 -18.62 13.70
CA ARG G 9 -11.54 -18.55 12.78
C ARG G 9 -12.85 -18.70 13.55
N ILE G 10 -13.96 -18.36 12.88
CA ILE G 10 -15.37 -18.60 13.35
C ILE G 10 -15.74 -20.00 12.88
N VAL G 11 -16.28 -20.81 13.76
CA VAL G 11 -16.58 -22.25 13.49
C VAL G 11 -18.07 -22.40 13.22
N ASP G 12 -18.91 -21.59 13.86
CA ASP G 12 -20.38 -21.76 13.80
C ASP G 12 -21.01 -20.48 14.34
N LYS G 13 -22.32 -20.33 14.14
CA LYS G 13 -23.12 -19.18 14.62
C LYS G 13 -24.48 -19.69 15.08
N ARG G 14 -25.09 -18.95 15.99
CA ARG G 14 -26.42 -19.26 16.56
C ARG G 14 -27.02 -17.97 17.09
N LYS G 15 -28.31 -18.03 17.38
CA LYS G 15 -29.08 -16.92 17.99
C LYS G 15 -29.39 -17.37 19.41
N ASN G 16 -29.21 -16.49 20.39
CA ASN G 16 -29.54 -16.75 21.80
C ASN G 16 -31.03 -16.42 22.01
N LYS G 17 -31.53 -16.53 23.25
CA LYS G 17 -32.97 -16.47 23.58
C LYS G 17 -33.47 -15.03 23.44
N LYS G 18 -32.56 -14.05 23.32
CA LYS G 18 -32.90 -12.63 23.05
C LYS G 18 -32.73 -12.31 21.56
N GLY G 19 -32.52 -13.31 20.70
CA GLY G 19 -32.31 -13.16 19.25
C GLY G 19 -31.02 -12.42 18.91
N LYS G 20 -30.01 -12.45 19.78
CA LYS G 20 -28.70 -11.82 19.49
C LYS G 20 -27.76 -12.89 18.93
N THR G 21 -26.77 -12.51 18.12
CA THR G 21 -25.88 -13.47 17.43
C THR G 21 -24.70 -13.85 18.36
N GLU G 22 -24.39 -15.13 18.41
CA GLU G 22 -23.20 -15.69 19.09
C GLU G 22 -22.42 -16.49 18.06
N TYR G 23 -21.10 -16.46 18.17
CA TYR G 23 -20.17 -17.14 17.24
C TYR G 23 -19.37 -18.15 18.07
N LEU G 24 -19.16 -19.33 17.50
CA LEU G 24 -18.26 -20.37 18.06
C LEU G 24 -16.84 -20.05 17.58
N VAL G 25 -15.98 -19.67 18.52
CA VAL G 25 -14.60 -19.17 18.27
C VAL G 25 -13.59 -20.30 18.39
N ARG G 26 -12.78 -20.49 17.35
CA ARG G 26 -11.53 -21.28 17.38
C ARG G 26 -10.41 -20.32 17.78
N TRP G 27 -9.78 -20.57 18.92
CA TRP G 27 -8.70 -19.73 19.49
C TRP G 27 -7.36 -20.18 18.91
N LYS G 28 -6.56 -19.23 18.43
CA LYS G 28 -5.27 -19.53 17.79
C LYS G 28 -4.35 -20.18 18.84
N GLY G 29 -3.75 -21.31 18.49
CA GLY G 29 -2.87 -22.08 19.38
C GLY G 29 -3.62 -23.17 20.14
N TYR G 30 -4.94 -23.28 19.95
CA TYR G 30 -5.79 -24.33 20.55
C TYR G 30 -6.48 -25.12 19.44
N ASP G 31 -7.27 -26.12 19.84
CA ASP G 31 -8.04 -27.00 18.92
C ASP G 31 -9.51 -26.96 19.36
N SER G 32 -10.35 -27.76 18.70
CA SER G 32 -11.84 -27.78 18.84
C SER G 32 -12.23 -27.94 20.31
N GLU G 33 -11.43 -28.66 21.10
CA GLU G 33 -11.68 -28.95 22.54
C GLU G 33 -11.88 -27.63 23.30
N ASP G 34 -11.20 -26.56 22.87
CA ASP G 34 -11.18 -25.26 23.59
C ASP G 34 -12.09 -24.21 22.92
N ASP G 35 -12.84 -24.59 21.89
CA ASP G 35 -13.81 -23.69 21.20
C ASP G 35 -14.84 -23.18 22.21
N THR G 36 -15.17 -21.88 22.19
CA THR G 36 -16.19 -21.30 23.09
C THR G 36 -17.20 -20.50 22.26
N TRP G 37 -18.48 -20.55 22.67
CA TRP G 37 -19.54 -19.64 22.17
C TRP G 37 -19.33 -18.25 22.80
N GLU G 38 -19.22 -17.21 21.98
CA GLU G 38 -19.05 -15.81 22.46
C GLU G 38 -20.11 -14.93 21.83
N PRO G 39 -20.64 -13.96 22.58
CA PRO G 39 -21.51 -12.95 21.98
C PRO G 39 -20.71 -12.13 20.95
N GLU G 40 -21.42 -11.64 19.94
CA GLU G 40 -20.83 -10.80 18.86
C GLU G 40 -20.03 -9.63 19.44
N GLN G 41 -20.48 -9.01 20.53
N GLN G 41 -20.56 -9.08 20.54
CA GLN G 41 -19.83 -7.78 21.06
CA GLN G 41 -20.06 -7.92 21.33
C GLN G 41 -18.63 -8.17 21.94
C GLN G 41 -18.63 -8.17 21.81
N HIS G 42 -18.26 -9.45 22.01
CA HIS G 42 -16.94 -9.89 22.54
C HIS G 42 -15.86 -9.90 21.46
N LEU G 43 -16.21 -9.84 20.17
CA LEU G 43 -15.23 -9.88 19.07
C LEU G 43 -14.70 -8.49 18.77
N VAL G 44 -13.37 -8.36 18.62
CA VAL G 44 -12.73 -7.08 18.28
C VAL G 44 -12.09 -7.21 16.90
N ASN G 45 -12.53 -6.35 15.96
CA ASN G 45 -11.95 -6.27 14.60
C ASN G 45 -12.07 -7.62 13.88
N CYS G 46 -13.15 -8.35 14.14
CA CYS G 46 -13.40 -9.68 13.55
C CYS G 46 -14.30 -9.58 12.31
N GLU G 47 -14.63 -8.38 11.85
CA GLU G 47 -15.59 -8.17 10.73
C GLU G 47 -15.24 -9.09 9.54
N GLU G 48 -13.97 -9.15 9.14
CA GLU G 48 -13.58 -9.91 7.91
C GLU G 48 -13.81 -11.41 8.15
N TYR G 49 -13.61 -11.93 9.37
CA TYR G 49 -13.85 -13.36 9.67
C TYR G 49 -15.36 -13.66 9.67
N ILE G 50 -16.15 -12.74 10.17
CA ILE G 50 -17.62 -12.88 10.25
C ILE G 50 -18.16 -12.88 8.82
N HIS G 51 -17.72 -11.92 7.98
CA HIS G 51 -18.17 -11.84 6.56
C HIS G 51 -17.76 -13.11 5.83
N ASP G 52 -16.52 -13.57 6.02
CA ASP G 52 -16.01 -14.81 5.40
C ASP G 52 -16.92 -15.98 5.79
N PHE G 53 -17.21 -16.16 7.07
CA PHE G 53 -18.13 -17.21 7.59
C PHE G 53 -19.49 -17.11 6.89
N ASN G 54 -20.06 -15.90 6.85
CA ASN G 54 -21.46 -15.68 6.36
C ASN G 54 -21.50 -15.88 4.84
N ARG G 55 -20.41 -15.59 4.13
CA ARG G 55 -20.39 -15.71 2.64
C ARG G 55 -20.26 -17.17 2.21
N ARG G 56 -19.60 -18.01 3.01
CA ARG G 56 -19.04 -19.29 2.51
C ARG G 56 -19.67 -20.49 3.23
N HIS G 57 -20.20 -20.30 4.44
CA HIS G 57 -20.75 -21.38 5.29
C HIS G 57 -22.26 -21.17 5.44
N MN1 H 1 -8.37 -10.20 12.16
C2 MN1 H 1 -8.00 -9.15 13.11
C3 MN1 H 1 -7.75 -9.74 14.55
C4 MN1 H 1 -9.06 -10.48 15.03
C MN1 H 1 -8.64 -11.04 16.25
O MN1 H 1 -7.93 -12.02 16.43
C5 MN1 H 1 -9.33 -11.52 14.01
C6 MN1 H 1 -9.54 -10.99 12.57
N PF5 H 2 -9.32 -10.30 17.16
CA PF5 H 2 -9.17 -10.78 18.59
CB PF5 H 2 -8.28 -9.75 19.43
CG PF5 H 2 -7.07 -9.44 18.72
CD1 PF5 H 2 -7.01 -8.47 17.73
FD1 PF5 H 2 -8.08 -7.79 17.40
CD2 PF5 H 2 -5.90 -10.14 19.01
FD2 PF5 H 2 -5.88 -11.08 20.04
CE1 PF5 H 2 -5.84 -8.23 17.04
FE1 PF5 H 2 -5.71 -7.34 16.05
CE2 PF5 H 2 -4.72 -9.86 18.36
FE2 PF5 H 2 -3.44 -10.56 18.65
CZ PF5 H 2 -4.71 -8.93 17.37
FZ PF5 H 2 -3.72 -8.68 16.79
C PF5 H 2 -10.53 -10.88 19.27
O PF5 H 2 -11.49 -10.28 18.79
N ALA H 3 -10.59 -11.58 20.43
CA ALA H 3 -11.83 -11.58 21.19
C ALA H 3 -11.62 -11.71 22.70
N PHE H 4 -12.57 -11.18 23.47
CA PHE H 4 -12.71 -11.45 24.93
C PHE H 4 -13.31 -12.85 25.08
O ZT1 H 5 -13.77 -14.63 28.66
C ZT1 H 5 -14.14 -15.09 27.59
CA ZT1 H 5 -13.29 -14.95 26.34
N ZT1 H 5 -12.89 -13.56 26.13
CB ZT1 H 5 -12.06 -15.85 26.42
CG ZT1 H 5 -12.53 -17.30 26.63
CD ZT1 H 5 -11.47 -18.31 26.21
CE ZT1 H 5 -10.10 -17.92 26.72
NZ ZT1 H 5 -9.11 -19.03 26.71
CAB ZT1 H 5 -8.79 -19.38 25.31
CAC ZT1 H 5 -7.73 -18.50 24.64
CAA ZT1 H 5 -8.46 -20.87 25.15
CAQ ZT1 H 5 -7.94 -18.56 27.54
CAP ZT1 H 5 -8.08 -18.84 29.06
CAR ZT1 H 5 -8.49 -17.97 29.97
NAS ZT1 H 5 -8.49 -18.59 31.16
CAT ZT1 H 5 -8.07 -19.85 30.97
NAN ZT1 H 5 -7.81 -20.01 29.67
CAO ZT1 H 5 -7.35 -21.27 29.04
N ALA H 6 -15.31 -15.73 27.44
CA ALA H 6 -16.23 -15.85 28.56
C ALA H 6 -17.53 -16.52 28.11
N GLU I 2 23.03 -3.14 -15.01
CA GLU I 2 21.65 -3.40 -14.49
C GLU I 2 20.86 -4.26 -15.49
N GLU I 3 20.20 -5.32 -15.02
CA GLU I 3 19.53 -6.35 -15.86
C GLU I 3 18.00 -6.18 -15.85
N LEU I 4 17.39 -6.20 -17.03
CA LEU I 4 15.92 -6.15 -17.23
C LEU I 4 15.41 -7.57 -17.48
N TYR I 5 14.30 -7.94 -16.87
CA TYR I 5 13.61 -9.24 -17.04
C TYR I 5 12.20 -8.98 -17.56
N GLU I 6 11.69 -9.91 -18.37
CA GLU I 6 10.33 -9.85 -18.95
C GLU I 6 9.34 -10.10 -17.82
N VAL I 7 8.24 -9.35 -17.82
CA VAL I 7 7.16 -9.39 -16.80
C VAL I 7 5.98 -10.16 -17.41
N GLU I 8 5.48 -11.18 -16.72
CA GLU I 8 4.28 -11.94 -17.14
C GLU I 8 3.01 -11.16 -16.80
N ARG I 9 2.88 -10.69 -15.56
CA ARG I 9 1.76 -9.83 -15.12
C ARG I 9 2.05 -9.13 -13.79
N ILE I 10 1.20 -8.17 -13.46
CA ILE I 10 1.11 -7.47 -12.16
C ILE I 10 0.03 -8.20 -11.36
N VAL I 11 0.29 -8.58 -10.12
CA VAL I 11 -0.66 -9.40 -9.31
C VAL I 11 -1.13 -8.62 -8.05
N ASP I 12 -0.49 -7.51 -7.71
CA ASP I 12 -0.89 -6.64 -6.57
C ASP I 12 -0.21 -5.26 -6.71
N LYS I 13 -0.70 -4.26 -5.96
CA LYS I 13 -0.11 -2.89 -5.93
C LYS I 13 -0.33 -2.26 -4.54
N ARG I 14 0.61 -1.42 -4.07
CA ARG I 14 0.42 -0.61 -2.84
C ARG I 14 1.02 0.80 -3.00
N LYS I 15 0.22 1.83 -2.68
CA LYS I 15 0.59 3.28 -2.76
C LYS I 15 0.60 3.88 -1.35
N ASN I 16 1.71 4.52 -0.93
CA ASN I 16 1.88 5.23 0.37
C ASN I 16 1.41 6.70 0.25
N LYS I 17 1.77 7.55 1.22
CA LYS I 17 1.40 9.00 1.26
C LYS I 17 2.32 9.80 0.34
N LYS I 18 3.63 9.48 0.32
CA LYS I 18 4.67 10.13 -0.53
C LYS I 18 4.29 9.98 -2.01
N GLY I 19 3.26 9.16 -2.31
CA GLY I 19 2.59 9.07 -3.63
C GLY I 19 3.01 7.84 -4.41
N LYS I 20 4.24 7.36 -4.17
CA LYS I 20 4.88 6.16 -4.77
C LYS I 20 3.92 4.96 -4.81
N THR I 21 4.00 4.14 -5.88
CA THR I 21 3.39 2.80 -5.92
C THR I 21 4.50 1.74 -5.94
N GLU I 22 4.20 0.57 -5.40
CA GLU I 22 5.00 -0.66 -5.56
C GLU I 22 4.08 -1.70 -6.22
N TYR I 23 4.66 -2.55 -7.06
CA TYR I 23 3.91 -3.59 -7.81
C TYR I 23 4.51 -4.95 -7.45
N LEU I 24 3.62 -5.92 -7.24
CA LEU I 24 4.01 -7.32 -7.00
C LEU I 24 4.12 -7.96 -8.37
N VAL I 25 5.34 -8.19 -8.84
CA VAL I 25 5.63 -8.57 -10.25
C VAL I 25 5.72 -10.10 -10.34
N ARG I 26 4.94 -10.69 -11.23
CA ARG I 26 5.05 -12.11 -11.66
C ARG I 26 6.03 -12.14 -12.84
N TRP I 27 7.17 -12.83 -12.69
CA TRP I 27 8.23 -12.84 -13.73
C TRP I 27 7.98 -13.96 -14.75
N LYS I 28 8.02 -13.60 -16.04
CA LYS I 28 7.89 -14.50 -17.22
C LYS I 28 8.90 -15.64 -17.05
N GLY I 29 8.42 -16.90 -17.03
CA GLY I 29 9.27 -18.12 -16.93
C GLY I 29 9.43 -18.61 -15.50
N TYR I 30 8.84 -17.90 -14.54
CA TYR I 30 8.95 -18.23 -13.10
C TYR I 30 7.54 -18.43 -12.54
N ASP I 31 7.43 -18.69 -11.24
CA ASP I 31 6.20 -19.10 -10.53
C ASP I 31 5.83 -18.07 -9.46
N SER I 32 4.65 -18.19 -8.89
CA SER I 32 4.13 -17.25 -7.86
C SER I 32 5.12 -17.18 -6.70
N GLU I 33 5.88 -18.24 -6.39
CA GLU I 33 6.80 -18.21 -5.23
C GLU I 33 7.96 -17.22 -5.48
N ASP I 34 8.18 -16.83 -6.74
CA ASP I 34 9.29 -15.91 -7.15
C ASP I 34 8.81 -14.45 -7.26
N ASP I 35 7.51 -14.18 -7.06
CA ASP I 35 6.91 -12.83 -7.15
C ASP I 35 7.69 -11.88 -6.23
N THR I 36 8.09 -10.71 -6.70
CA THR I 36 8.82 -9.71 -5.86
C THR I 36 8.15 -8.35 -5.98
N TRP I 37 8.09 -7.61 -4.86
CA TRP I 37 7.56 -6.22 -4.82
C TRP I 37 8.59 -5.30 -5.46
N GLU I 38 8.18 -4.53 -6.47
CA GLU I 38 9.14 -3.64 -7.18
C GLU I 38 8.56 -2.23 -7.16
N PRO I 39 9.40 -1.19 -6.96
CA PRO I 39 8.93 0.17 -7.18
C PRO I 39 8.49 0.37 -8.65
N GLU I 40 7.46 1.19 -8.82
CA GLU I 40 6.86 1.65 -10.09
C GLU I 40 7.95 2.02 -11.09
N GLN I 41 9.03 2.66 -10.61
CA GLN I 41 10.10 3.23 -11.47
C GLN I 41 11.14 2.13 -11.80
N HIS I 42 10.86 0.87 -11.45
CA HIS I 42 11.63 -0.33 -11.88
C HIS I 42 10.95 -0.94 -13.12
N LEU I 43 9.72 -0.52 -13.44
CA LEU I 43 8.90 -1.07 -14.53
C LEU I 43 9.14 -0.23 -15.78
N VAL I 44 9.39 -0.91 -16.91
CA VAL I 44 9.63 -0.29 -18.24
C VAL I 44 8.51 -0.77 -19.15
N ASN I 45 7.68 0.16 -19.63
CA ASN I 45 6.59 -0.08 -20.62
C ASN I 45 5.65 -1.18 -20.12
N CYS I 46 5.29 -1.17 -18.82
CA CYS I 46 4.33 -2.14 -18.22
C CYS I 46 2.92 -1.55 -18.14
N GLU I 47 2.71 -0.34 -18.66
CA GLU I 47 1.45 0.45 -18.53
C GLU I 47 0.24 -0.42 -18.86
N GLU I 48 0.33 -1.28 -19.89
CA GLU I 48 -0.80 -2.13 -20.35
C GLU I 48 -1.18 -3.19 -19.30
N TYR I 49 -0.21 -3.75 -18.57
CA TYR I 49 -0.43 -4.88 -17.63
C TYR I 49 -1.05 -4.32 -16.34
N ILE I 50 -0.68 -3.09 -15.99
CA ILE I 50 -1.30 -2.30 -14.89
C ILE I 50 -2.80 -2.15 -15.17
N HIS I 51 -3.19 -1.70 -16.37
CA HIS I 51 -4.62 -1.53 -16.77
C HIS I 51 -5.33 -2.90 -16.73
N ASP I 52 -4.66 -3.96 -17.21
CA ASP I 52 -5.19 -5.34 -17.15
C ASP I 52 -5.48 -5.69 -15.69
N PHE I 53 -4.59 -5.28 -14.78
CA PHE I 53 -4.70 -5.53 -13.32
C PHE I 53 -5.94 -4.81 -12.77
N ASN I 54 -5.96 -3.47 -12.80
CA ASN I 54 -7.03 -2.60 -12.23
C ASN I 54 -8.41 -3.07 -12.69
N ARG I 55 -8.50 -3.60 -13.93
CA ARG I 55 -9.74 -4.20 -14.51
C ARG I 55 -10.27 -5.32 -13.60
N ARG I 56 -9.38 -5.93 -12.79
CA ARG I 56 -9.70 -6.94 -11.75
C ARG I 56 -9.69 -6.29 -10.35
N HIS I 57 -10.24 -5.08 -10.21
CA HIS I 57 -10.30 -4.31 -8.94
N MN1 J 1 4.57 -5.80 -22.17
C2 MN1 J 1 5.80 -5.07 -22.52
C3 MN1 J 1 7.05 -5.63 -21.88
C4 MN1 J 1 6.87 -5.42 -20.39
C MN1 J 1 8.09 -5.96 -19.70
O MN1 J 1 8.35 -7.16 -19.76
C5 MN1 J 1 5.63 -6.18 -20.02
C6 MN1 J 1 4.37 -5.72 -20.72
N PF5 J 2 8.92 -5.06 -19.18
CA PF5 J 2 10.20 -5.45 -18.60
CB PF5 J 2 11.36 -5.01 -19.53
CG PF5 J 2 11.19 -5.50 -20.84
CD1 PF5 J 2 10.53 -4.75 -21.82
FD1 PF5 J 2 10.01 -3.56 -21.55
CD2 PF5 J 2 11.71 -6.73 -21.19
FD2 PF5 J 2 12.35 -7.47 -20.33
CE1 PF5 J 2 10.38 -5.24 -23.13
FE1 PF5 J 2 9.68 -4.50 -24.13
CE2 PF5 J 2 11.56 -7.20 -22.49
FE2 PF5 J 2 12.00 -8.31 -22.82
CZ PF5 J 2 10.91 -6.47 -23.44
FZ PF5 J 2 10.79 -6.95 -24.61
C PF5 J 2 10.37 -4.73 -17.27
O PF5 J 2 9.77 -3.70 -17.01
N ALA J 3 11.26 -5.26 -16.41
CA ALA J 3 11.48 -4.62 -15.13
C ALA J 3 12.87 -4.97 -14.59
N PHE J 4 13.42 -4.06 -13.79
CA PHE J 4 14.64 -4.33 -12.99
C PHE J 4 14.19 -5.05 -11.72
O ZT1 J 5 16.58 -5.34 -8.81
C ZT1 J 5 15.64 -6.12 -8.70
CA ZT1 J 5 14.86 -6.60 -9.92
N ZT1 J 5 15.13 -5.77 -11.09
CB ZT1 J 5 15.18 -8.07 -10.27
CG ZT1 J 5 14.29 -9.02 -9.45
CD ZT1 J 5 13.92 -10.28 -10.27
CE ZT1 J 5 14.94 -11.43 -10.08
NZ ZT1 J 5 14.95 -12.39 -11.20
CAB ZT1 J 5 13.58 -12.85 -11.51
CAC ZT1 J 5 13.47 -13.22 -12.99
CAA ZT1 J 5 13.10 -14.01 -10.64
CAQ ZT1 J 5 15.92 -13.47 -10.92
N ALA J 6 15.22 -6.60 -7.53
N GLY K 1 -3.38 -11.92 27.88
CA GLY K 1 -3.73 -12.06 26.45
C GLY K 1 -2.81 -11.21 25.60
N GLU K 2 -3.24 -10.83 24.40
CA GLU K 2 -2.48 -9.93 23.49
C GLU K 2 -2.57 -8.49 23.99
N GLU K 3 -1.48 -7.74 23.94
CA GLU K 3 -1.38 -6.42 24.60
C GLU K 3 -1.80 -5.33 23.60
N LEU K 4 -2.46 -4.28 24.10
CA LEU K 4 -2.78 -3.05 23.33
C LEU K 4 -1.84 -1.95 23.82
N TYR K 5 -1.35 -1.13 22.91
CA TYR K 5 -0.43 -0.01 23.22
C TYR K 5 -1.04 1.27 22.68
N GLU K 6 -0.79 2.37 23.37
CA GLU K 6 -1.36 3.68 23.02
C GLU K 6 -0.65 4.19 21.76
N VAL K 7 -1.45 4.72 20.83
CA VAL K 7 -1.01 5.32 19.53
C VAL K 7 -0.86 6.83 19.73
N GLU K 8 0.29 7.38 19.36
CA GLU K 8 0.53 8.85 19.38
C GLU K 8 -0.10 9.44 18.12
N ARG K 9 0.23 8.89 16.95
CA ARG K 9 -0.33 9.36 15.65
C ARG K 9 -0.09 8.30 14.58
N ILE K 10 -0.79 8.45 13.47
CA ILE K 10 -0.59 7.69 12.20
C ILE K 10 0.37 8.51 11.33
N VAL K 11 1.46 7.91 10.83
CA VAL K 11 2.54 8.66 10.14
C VAL K 11 2.53 8.33 8.65
N ASP K 12 1.91 7.22 8.24
CA ASP K 12 1.85 6.81 6.83
C ASP K 12 0.74 5.77 6.69
N LYS K 13 0.30 5.55 5.45
CA LYS K 13 -0.74 4.55 5.11
C LYS K 13 -0.43 4.00 3.73
N ARG K 14 -0.66 2.69 3.52
CA ARG K 14 -0.53 2.05 2.20
C ARG K 14 -1.70 1.07 2.00
N LYS K 15 -2.30 1.11 0.82
CA LYS K 15 -3.57 0.40 0.44
C LYS K 15 -3.24 -0.58 -0.69
N ASN K 16 -3.60 -1.86 -0.52
CA ASN K 16 -3.18 -3.02 -1.37
C ASN K 16 -4.33 -3.45 -2.27
N LYS K 17 -4.17 -4.60 -2.95
CA LYS K 17 -5.09 -5.11 -4.02
C LYS K 17 -6.50 -5.28 -3.48
N LYS K 18 -6.71 -6.25 -2.59
CA LYS K 18 -8.04 -6.65 -2.05
C LYS K 18 -8.71 -5.45 -1.35
N GLY K 19 -7.98 -4.35 -1.13
CA GLY K 19 -8.45 -3.13 -0.44
C GLY K 19 -7.98 -3.05 1.02
N LYS K 20 -7.11 -3.98 1.43
CA LYS K 20 -6.53 -4.03 2.80
C LYS K 20 -5.57 -2.84 2.95
N THR K 21 -5.76 -2.05 4.02
CA THR K 21 -4.90 -0.89 4.36
C THR K 21 -3.96 -1.30 5.50
N GLU K 22 -2.74 -0.75 5.48
CA GLU K 22 -1.78 -0.79 6.60
C GLU K 22 -1.44 0.64 6.98
N TYR K 23 -1.14 0.87 8.26
CA TYR K 23 -0.80 2.20 8.81
C TYR K 23 0.57 2.09 9.47
N LEU K 24 1.42 3.07 9.23
CA LEU K 24 2.69 3.21 9.97
C LEU K 24 2.36 3.90 11.30
N VAL K 25 2.55 3.22 12.42
CA VAL K 25 2.08 3.67 13.76
C VAL K 25 3.25 4.30 14.51
N ARG K 26 3.06 5.53 14.98
CA ARG K 26 3.93 6.17 16.00
C ARG K 26 3.34 5.84 17.37
N TRP K 27 4.09 5.12 18.19
CA TRP K 27 3.66 4.60 19.53
C TRP K 27 3.93 5.62 20.63
N LYS K 28 2.93 5.91 21.46
CA LYS K 28 3.00 6.92 22.54
C LYS K 28 4.15 6.55 23.48
N GLY K 29 5.06 7.50 23.76
CA GLY K 29 6.22 7.28 24.65
C GLY K 29 7.44 6.73 23.93
N TYR K 30 7.36 6.54 22.61
CA TYR K 30 8.45 6.00 21.76
C TYR K 30 8.81 7.02 20.67
N ASP K 31 9.72 6.64 19.76
CA ASP K 31 10.34 7.52 18.73
C ASP K 31 10.05 6.96 17.34
N SER K 32 10.38 7.73 16.31
CA SER K 32 10.24 7.33 14.88
C SER K 32 10.98 6.02 14.63
N GLU K 33 12.06 5.74 15.35
CA GLU K 33 12.84 4.50 15.11
C GLU K 33 11.98 3.29 15.49
N ASP K 34 10.96 3.47 16.33
CA ASP K 34 10.10 2.36 16.85
C ASP K 34 8.81 2.26 16.03
N ASP K 35 8.58 3.14 15.04
CA ASP K 35 7.41 3.07 14.14
C ASP K 35 7.26 1.67 13.54
N THR K 36 6.05 1.10 13.56
CA THR K 36 5.80 -0.22 12.91
C THR K 36 4.58 -0.12 11.98
N TRP K 37 4.63 -0.81 10.84
CA TRP K 37 3.50 -0.98 9.91
C TRP K 37 2.51 -1.95 10.58
N GLU K 38 1.25 -1.57 10.69
CA GLU K 38 0.23 -2.42 11.33
C GLU K 38 -0.95 -2.51 10.38
N PRO K 39 -1.54 -3.70 10.22
CA PRO K 39 -2.79 -3.80 9.50
C PRO K 39 -3.84 -2.93 10.18
N GLU K 40 -4.77 -2.42 9.38
CA GLU K 40 -5.97 -1.67 9.81
C GLU K 40 -6.64 -2.42 10.98
N GLN K 41 -6.76 -3.74 10.92
N GLN K 41 -6.69 -3.75 10.89
CA GLN K 41 -7.50 -4.49 11.97
CA GLN K 41 -7.37 -4.66 11.85
C GLN K 41 -6.59 -4.75 13.18
C GLN K 41 -6.68 -4.59 13.22
N HIS K 42 -5.44 -4.06 13.29
CA HIS K 42 -4.67 -3.97 14.55
C HIS K 42 -5.09 -2.71 15.34
N LEU K 43 -5.85 -1.79 14.74
CA LEU K 43 -6.13 -0.46 15.33
C LEU K 43 -7.49 -0.50 16.02
N VAL K 44 -7.58 0.04 17.24
CA VAL K 44 -8.82 0.14 18.06
C VAL K 44 -9.11 1.61 18.34
N ASN K 45 -10.27 2.07 17.89
CA ASN K 45 -10.77 3.46 18.13
C ASN K 45 -9.76 4.46 17.59
N CYS K 46 -9.16 4.18 16.44
CA CYS K 46 -8.18 5.11 15.81
C CYS K 46 -8.86 5.93 14.72
N GLU K 47 -10.19 5.87 14.61
CA GLU K 47 -10.94 6.52 13.50
C GLU K 47 -10.58 8.01 13.43
N GLU K 48 -10.54 8.71 14.57
CA GLU K 48 -10.25 10.17 14.63
C GLU K 48 -8.85 10.45 14.09
N TYR K 49 -7.87 9.64 14.51
CA TYR K 49 -6.44 9.77 14.12
C TYR K 49 -6.27 9.41 12.65
N ILE K 50 -7.06 8.49 12.11
CA ILE K 50 -7.04 8.17 10.66
C ILE K 50 -7.56 9.39 9.88
N HIS K 51 -8.65 10.02 10.34
CA HIS K 51 -9.24 11.24 9.72
C HIS K 51 -8.24 12.41 9.75
N ASP K 52 -7.57 12.65 10.89
CA ASP K 52 -6.54 13.71 11.10
C ASP K 52 -5.37 13.44 10.16
N PHE K 53 -4.97 12.18 10.05
CA PHE K 53 -3.93 11.73 9.10
C PHE K 53 -4.32 12.12 7.66
N ASN K 54 -5.51 11.71 7.22
CA ASN K 54 -5.97 11.86 5.82
C ASN K 54 -6.04 13.35 5.46
N ARG K 55 -6.47 14.19 6.41
CA ARG K 55 -6.61 15.66 6.16
C ARG K 55 -5.23 16.33 6.08
N ARG K 56 -4.27 15.90 6.90
CA ARG K 56 -3.05 16.70 7.18
C ARG K 56 -1.87 16.17 6.36
N HIS K 57 -2.16 15.33 5.37
CA HIS K 57 -1.18 14.77 4.40
C HIS K 57 -1.75 14.92 2.99
N MN1 L 1 -7.71 7.90 20.63
C2 MN1 L 1 -8.21 6.59 21.04
C3 MN1 L 1 -7.18 5.54 21.39
C4 MN1 L 1 -6.32 5.19 20.16
C MN1 L 1 -5.36 4.35 20.78
O MN1 L 1 -4.30 4.65 21.33
C5 MN1 L 1 -5.69 6.56 19.70
C6 MN1 L 1 -6.62 7.85 19.64
N PF5 L 2 -5.78 3.12 20.41
CA PF5 L 2 -4.84 1.98 20.82
CB PF5 L 2 -5.52 1.14 21.99
CG PF5 L 2 -5.90 1.97 23.03
CD1 PF5 L 2 -7.16 2.59 23.05
FD1 PF5 L 2 -7.97 2.41 22.20
CD2 PF5 L 2 -5.03 2.21 24.05
FD2 PF5 L 2 -3.91 1.71 24.09
CE1 PF5 L 2 -7.52 3.45 24.07
FE1 PF5 L 2 -8.67 4.04 24.15
CE2 PF5 L 2 -5.41 3.10 25.07
FE2 PF5 L 2 -4.67 3.37 26.05
CZ PF5 L 2 -6.65 3.68 25.06
FZ PF5 L 2 -6.94 4.31 25.84
C PF5 L 2 -4.59 1.02 19.66
O PF5 L 2 -5.36 1.00 18.70
N ALA L 3 -3.55 0.19 19.74
CA ALA L 3 -3.31 -0.81 18.71
C ALA L 3 -2.51 -2.02 19.22
N PHE L 4 -2.73 -3.16 18.58
CA PHE L 4 -1.87 -4.35 18.73
C PHE L 4 -0.62 -4.19 17.90
O ZT1 L 5 1.83 -7.12 17.78
C ZT1 L 5 2.16 -6.10 17.20
CA ZT1 L 5 1.78 -4.72 17.74
N ZT1 L 5 0.48 -4.79 18.38
CB ZT1 L 5 2.82 -4.20 18.78
CG ZT1 L 5 3.98 -3.52 18.08
CD ZT1 L 5 5.19 -3.35 19.01
CE ZT1 L 5 4.82 -2.65 20.31
NZ ZT1 L 5 5.96 -2.01 21.03
CAB ZT1 L 5 5.89 -0.55 20.73
CAC ZT1 L 5 4.92 0.12 21.72
CAA ZT1 L 5 7.23 0.18 20.79
CAQ ZT1 L 5 7.29 -2.70 20.84
CAP ZT1 L 5 7.82 -3.17 22.21
CAR ZT1 L 5 8.67 -2.50 22.98
NAS ZT1 L 5 8.87 -3.23 24.07
CAT ZT1 L 5 8.14 -4.34 23.97
NAN ZT1 L 5 7.48 -4.31 22.81
CAO ZT1 L 5 6.56 -5.39 22.35
N ALA L 6 2.79 -6.12 16.01
CA ALA L 6 3.14 -7.36 15.34
NA NA M . -15.54 8.97 42.93
NA NA N . -6.14 -15.19 13.13
UNK UNX O . -19.06 -22.22 25.10
UNK UNX P . 7.20 -2.53 10.37
#